data_3T1W
#
_entry.id   3T1W
#
_cell.length_a   211.980
_cell.length_b   29.115
_cell.length_c   82.241
_cell.angle_alpha   90.00
_cell.angle_beta   111.42
_cell.angle_gamma   90.00
#
_symmetry.space_group_name_H-M   'C 1 2 1'
#
loop_
_entity.id
_entity.type
_entity.pdbx_description
1 polymer 'four-domain fibronectin fragment'
2 water water
#
_entity_poly.entity_id   1
_entity_poly.type   'polypeptide(L)'
_entity_poly.pdbx_seq_one_letter_code
;MPLSPPTNLHLEANPDTGVLTVSWERSTTPDITGYRITTTPTNGQQGNSLEEVVHADQSSCTFDNLSPGLEYNVSVYTVK
DDKESVPISDTIIPEVPQLTDLSFVDITDSSIGLRWTPLNSSTIIGYRITVVAAGEGIPIFEDFVDSSVGYYTVTGLEPG
IDYDISVITLINGGESAPTTLTQQTAVPPPTDLRFTNIGPDTMRVTWAPPPSIDLTNFLVRYSPVKNEEDVAELSISPSD
NAVVLTNLLPGTEYVVSVSSVYEQHESTPLRGRQKTGLDSPTGIDFSDITANSFTVHWIAPRATITGYRIRHHPEHFSGR
PREDRVPHSRNSITLTNLTPGTEYVVSIVALNGREESPLLIGQQSTVSAHHHHHH
;
_entity_poly.pdbx_strand_id   A
#
# COMPACT_ATOMS: atom_id res chain seq x y z
N PRO A 2 -48.95 -42.58 36.16
CA PRO A 2 -48.12 -42.21 35.01
C PRO A 2 -48.07 -40.68 34.81
N LEU A 3 -46.93 -40.08 35.14
CA LEU A 3 -46.75 -38.63 34.97
C LEU A 3 -46.50 -38.26 33.53
N SER A 4 -47.19 -37.23 33.05
CA SER A 4 -46.97 -36.71 31.69
C SER A 4 -45.64 -35.97 31.58
N PRO A 5 -44.77 -36.46 30.67
CA PRO A 5 -43.49 -35.83 30.39
C PRO A 5 -43.68 -34.42 29.87
N PRO A 6 -42.61 -33.59 29.88
CA PRO A 6 -42.69 -32.30 29.22
C PRO A 6 -42.95 -32.46 27.72
N THR A 7 -43.29 -31.36 27.06
CA THR A 7 -43.50 -31.35 25.62
C THR A 7 -42.76 -30.23 24.94
N ASN A 8 -42.65 -30.34 23.63
CA ASN A 8 -41.97 -29.37 22.78
C ASN A 8 -40.60 -28.93 23.29
N LEU A 9 -39.70 -29.89 23.46
CA LEU A 9 -38.33 -29.59 23.86
C LEU A 9 -37.63 -28.71 22.82
N HIS A 10 -36.98 -27.65 23.30
CA HIS A 10 -36.23 -26.75 22.42
C HIS A 10 -34.81 -26.51 22.96
N LEU A 11 -33.82 -26.74 22.11
CA LEU A 11 -32.41 -26.60 22.47
C LEU A 11 -31.78 -25.51 21.64
N GLU A 12 -31.23 -24.51 22.31
CA GLU A 12 -30.59 -23.39 21.61
C GLU A 12 -29.18 -23.18 22.12
N ALA A 13 -28.21 -23.38 21.24
CA ALA A 13 -26.80 -23.25 21.63
C ALA A 13 -26.22 -22.00 21.01
N ASN A 14 -26.03 -20.98 21.85
CA ASN A 14 -25.55 -19.70 21.39
C ASN A 14 -24.03 -19.74 21.24
N PRO A 15 -23.53 -19.58 19.99
CA PRO A 15 -22.08 -19.64 19.76
C PRO A 15 -21.33 -18.41 20.29
N ASP A 16 -21.99 -17.26 20.33
CA ASP A 16 -21.37 -16.02 20.84
C ASP A 16 -21.11 -16.10 22.34
N THR A 17 -22.06 -16.66 23.08
CA THR A 17 -21.95 -16.72 24.54
C THR A 17 -21.47 -18.08 25.09
N GLY A 18 -21.55 -19.12 24.27
CA GLY A 18 -21.17 -20.48 24.69
C GLY A 18 -22.14 -21.11 25.67
N VAL A 19 -23.39 -20.62 25.68
CA VAL A 19 -24.42 -21.03 26.63
C VAL A 19 -25.52 -21.79 25.89
N LEU A 20 -25.92 -22.93 26.46
CA LEU A 20 -27.02 -23.70 25.91
C LEU A 20 -28.26 -23.37 26.71
N THR A 21 -29.30 -22.89 26.04
CA THR A 21 -30.58 -22.69 26.70
C THR A 21 -31.48 -23.88 26.38
N VAL A 22 -32.04 -24.48 27.42
CA VAL A 22 -32.98 -25.59 27.27
C VAL A 22 -34.33 -25.06 27.72
N SER A 23 -35.33 -25.21 26.86
CA SER A 23 -36.68 -24.80 27.22
C SER A 23 -37.72 -25.87 26.85
N TRP A 24 -38.86 -25.83 27.54
CA TRP A 24 -39.89 -26.82 27.33
C TRP A 24 -41.27 -26.26 27.66
N GLU A 25 -42.29 -27.03 27.30
CA GLU A 25 -43.65 -26.74 27.73
C GLU A 25 -43.89 -27.59 28.98
N ARG A 26 -44.40 -26.97 30.04
CA ARG A 26 -44.66 -27.68 31.29
C ARG A 26 -45.59 -28.88 31.15
N SER A 27 -45.41 -29.85 32.04
CA SER A 27 -46.25 -31.02 32.13
C SER A 27 -47.71 -30.66 32.41
N THR A 28 -48.62 -31.50 31.92
CA THR A 28 -50.05 -31.34 32.18
C THR A 28 -50.50 -32.03 33.48
N THR A 29 -49.55 -32.55 34.27
CA THR A 29 -49.89 -33.14 35.58
C THR A 29 -49.95 -32.06 36.69
N PRO A 30 -51.06 -32.04 37.46
CA PRO A 30 -51.37 -31.02 38.48
C PRO A 30 -50.29 -30.66 39.52
N ASP A 31 -49.83 -31.63 40.32
CA ASP A 31 -48.98 -31.30 41.48
C ASP A 31 -47.57 -31.88 41.39
N ILE A 32 -46.68 -31.13 40.74
CA ILE A 32 -45.32 -31.60 40.53
C ILE A 32 -44.28 -30.84 41.36
N THR A 33 -43.20 -31.53 41.72
CA THR A 33 -42.12 -30.93 42.51
C THR A 33 -41.30 -29.97 41.66
N GLY A 34 -40.91 -30.43 40.47
CA GLY A 34 -40.07 -29.65 39.57
C GLY A 34 -39.64 -30.43 38.33
N TYR A 35 -38.55 -29.99 37.72
CA TYR A 35 -37.98 -30.65 36.54
C TYR A 35 -36.52 -30.99 36.77
N ARG A 36 -36.08 -32.05 36.09
CA ARG A 36 -34.68 -32.51 36.13
C ARG A 36 -34.17 -32.55 34.71
N ILE A 37 -33.04 -31.89 34.48
CA ILE A 37 -32.49 -31.78 33.14
C ILE A 37 -31.07 -32.31 33.15
N THR A 38 -30.82 -33.33 32.31
CA THR A 38 -29.47 -33.86 32.13
C THR A 38 -28.90 -33.46 30.78
N THR A 39 -27.59 -33.24 30.74
CA THR A 39 -26.83 -33.09 29.48
C THR A 39 -25.68 -34.08 29.44
N THR A 40 -25.66 -34.91 28.39
CA THR A 40 -24.70 -35.99 28.27
C THR A 40 -24.15 -36.08 26.86
N PRO A 41 -22.81 -36.22 26.72
CA PRO A 41 -22.22 -36.48 25.39
C PRO A 41 -22.71 -37.80 24.85
N THR A 42 -23.07 -37.80 23.57
CA THR A 42 -23.75 -38.93 22.96
C THR A 42 -22.93 -40.21 22.79
N ASN A 43 -21.61 -40.10 22.67
CA ASN A 43 -20.81 -41.33 22.49
C ASN A 43 -21.17 -42.48 23.47
N GLY A 44 -21.34 -42.13 24.74
CA GLY A 44 -21.69 -43.08 25.81
C GLY A 44 -22.05 -42.32 27.07
N GLN A 45 -23.07 -42.78 27.78
CA GLN A 45 -23.59 -42.10 28.97
C GLN A 45 -22.64 -42.24 30.16
N GLN A 46 -21.82 -43.30 30.08
CA GLN A 46 -20.84 -43.74 31.10
C GLN A 46 -19.90 -42.70 31.72
N GLY A 47 -19.49 -41.71 30.93
CA GLY A 47 -18.56 -40.68 31.40
C GLY A 47 -19.25 -39.57 32.19
N ASN A 48 -18.71 -38.36 32.06
CA ASN A 48 -19.28 -37.18 32.70
C ASN A 48 -20.61 -36.75 32.08
N SER A 49 -21.53 -36.34 32.93
CA SER A 49 -22.76 -35.71 32.49
C SER A 49 -23.14 -34.62 33.49
N LEU A 50 -23.99 -33.69 33.05
CA LEU A 50 -24.49 -32.60 33.90
C LEU A 50 -25.95 -32.78 34.22
N GLU A 51 -26.35 -32.29 35.38
CA GLU A 51 -27.72 -32.34 35.83
C GLU A 51 -28.09 -31.01 36.46
N GLU A 52 -29.23 -30.48 36.05
CA GLU A 52 -29.75 -29.24 36.60
C GLU A 52 -31.16 -29.52 37.12
N VAL A 53 -31.49 -28.99 38.29
CA VAL A 53 -32.83 -29.15 38.84
C VAL A 53 -33.51 -27.78 39.03
N VAL A 54 -34.72 -27.65 38.49
CA VAL A 54 -35.51 -26.42 38.60
C VAL A 54 -36.84 -26.63 39.33
N HIS A 55 -37.43 -25.55 39.80
CA HIS A 55 -38.74 -25.62 40.43
C HIS A 55 -39.88 -25.83 39.42
N ALA A 56 -41.09 -26.09 39.95
CA ALA A 56 -42.25 -26.45 39.14
C ALA A 56 -42.73 -25.37 38.16
N ASP A 57 -42.48 -24.12 38.52
CA ASP A 57 -42.91 -22.97 37.71
C ASP A 57 -41.96 -22.65 36.55
N GLN A 58 -40.79 -23.28 36.56
CA GLN A 58 -39.75 -23.01 35.56
C GLN A 58 -39.90 -23.89 34.34
N SER A 59 -39.68 -23.30 33.16
CA SER A 59 -39.76 -24.03 31.90
C SER A 59 -38.51 -23.83 31.04
N SER A 60 -37.41 -23.43 31.69
CA SER A 60 -36.10 -23.30 31.05
C SER A 60 -34.94 -23.43 32.05
N CYS A 61 -33.77 -23.80 31.54
CA CYS A 61 -32.52 -23.75 32.29
C CYS A 61 -31.33 -23.58 31.35
N THR A 62 -30.18 -23.15 31.87
CA THR A 62 -28.99 -22.95 31.05
C THR A 62 -27.78 -23.81 31.49
N PHE A 63 -27.03 -24.28 30.51
CA PHE A 63 -25.75 -24.94 30.73
C PHE A 63 -24.66 -24.13 30.01
N ASP A 64 -23.70 -23.60 30.76
CA ASP A 64 -22.72 -22.67 30.18
C ASP A 64 -21.36 -23.27 29.82
N ASN A 65 -21.21 -24.58 29.89
CA ASN A 65 -19.90 -25.19 29.77
C ASN A 65 -19.78 -26.33 28.76
N LEU A 66 -20.68 -26.38 27.77
CA LEU A 66 -20.58 -27.42 26.76
C LEU A 66 -19.36 -27.20 25.89
N SER A 67 -18.87 -28.28 25.25
CA SER A 67 -17.72 -28.22 24.36
C SER A 67 -18.23 -27.92 22.97
N PRO A 68 -17.67 -26.90 22.30
CA PRO A 68 -18.08 -26.68 20.92
C PRO A 68 -17.67 -27.86 20.07
N GLY A 69 -18.55 -28.34 19.19
CA GLY A 69 -18.20 -29.46 18.32
C GLY A 69 -18.66 -30.83 18.78
N LEU A 70 -18.96 -31.00 20.06
CA LEU A 70 -19.48 -32.27 20.59
C LEU A 70 -21.00 -32.39 20.54
N GLU A 71 -21.49 -33.59 20.24
CA GLU A 71 -22.92 -33.84 20.25
C GLU A 71 -23.38 -34.22 21.65
N TYR A 72 -24.51 -33.65 22.06
CA TYR A 72 -25.03 -33.94 23.40
C TYR A 72 -26.49 -34.35 23.35
N ASN A 73 -26.86 -35.31 24.18
CA ASN A 73 -28.26 -35.60 24.45
C ASN A 73 -28.71 -34.79 25.63
N VAL A 74 -29.81 -34.06 25.46
CA VAL A 74 -30.47 -33.34 26.55
C VAL A 74 -31.83 -33.98 26.83
N SER A 75 -32.07 -34.33 28.11
CA SER A 75 -33.29 -34.98 28.56
C SER A 75 -33.95 -34.16 29.66
N VAL A 76 -35.27 -34.01 29.59
CA VAL A 76 -36.00 -33.29 30.65
C VAL A 76 -37.07 -34.19 31.25
N TYR A 77 -37.06 -34.28 32.58
CA TYR A 77 -37.95 -35.18 33.33
C TYR A 77 -38.89 -34.39 34.21
N THR A 78 -40.18 -34.69 34.13
CA THR A 78 -41.13 -34.20 35.12
C THR A 78 -40.87 -34.94 36.45
N VAL A 79 -40.81 -34.20 37.55
CA VAL A 79 -40.61 -34.78 38.88
C VAL A 79 -41.82 -34.54 39.79
N LYS A 80 -42.37 -35.62 40.35
CA LYS A 80 -43.38 -35.54 41.40
C LYS A 80 -42.89 -36.24 42.67
N ASP A 81 -42.29 -35.46 43.57
CA ASP A 81 -41.71 -35.95 44.83
C ASP A 81 -40.79 -37.17 44.66
N ASP A 82 -41.34 -38.37 44.86
CA ASP A 82 -40.59 -39.61 44.78
C ASP A 82 -40.47 -40.14 43.34
N LYS A 83 -41.27 -39.59 42.42
CA LYS A 83 -41.37 -40.15 41.06
C LYS A 83 -40.94 -39.22 39.92
N GLU A 84 -40.82 -39.80 38.73
CA GLU A 84 -40.39 -39.09 37.53
C GLU A 84 -41.11 -39.58 36.27
N SER A 85 -41.35 -38.66 35.34
CA SER A 85 -41.95 -38.99 34.07
C SER A 85 -40.91 -39.65 33.17
N VAL A 86 -41.35 -40.35 32.14
CA VAL A 86 -40.46 -40.69 31.03
C VAL A 86 -39.98 -39.37 30.42
N PRO A 87 -38.70 -39.31 29.99
CA PRO A 87 -38.14 -37.99 29.62
C PRO A 87 -38.55 -37.54 28.21
N ILE A 88 -38.37 -36.26 27.91
CA ILE A 88 -38.35 -35.80 26.51
C ILE A 88 -36.91 -35.46 26.13
N SER A 89 -36.45 -36.02 25.02
CA SER A 89 -35.04 -35.91 24.67
C SER A 89 -34.80 -35.32 23.29
N ASP A 90 -33.62 -34.75 23.12
CA ASP A 90 -33.16 -34.24 21.83
C ASP A 90 -31.65 -34.09 21.88
N THR A 91 -31.02 -34.09 20.71
CA THR A 91 -29.58 -33.89 20.62
C THR A 91 -29.26 -32.52 20.04
N ILE A 92 -28.11 -31.96 20.40
CA ILE A 92 -27.63 -30.73 19.78
C ILE A 92 -26.11 -30.76 19.67
N ILE A 93 -25.57 -30.13 18.62
CA ILE A 93 -24.14 -29.99 18.46
C ILE A 93 -23.84 -28.49 18.45
N PRO A 94 -23.26 -27.96 19.55
CA PRO A 94 -22.92 -26.54 19.58
C PRO A 94 -21.86 -26.25 18.52
N GLU A 95 -22.08 -25.19 17.76
CA GLU A 95 -21.18 -24.78 16.70
C GLU A 95 -19.84 -24.34 17.27
N VAL A 96 -18.75 -24.69 16.60
CA VAL A 96 -17.45 -24.10 16.89
C VAL A 96 -17.40 -22.72 16.24
N PRO A 97 -17.30 -21.66 17.08
CA PRO A 97 -17.39 -20.27 16.61
C PRO A 97 -16.39 -19.96 15.50
N GLN A 98 -16.85 -19.18 14.54
CA GLN A 98 -16.11 -18.90 13.32
C GLN A 98 -16.13 -17.39 13.08
N LEU A 99 -14.98 -16.84 12.68
CA LEU A 99 -14.85 -15.40 12.43
C LEU A 99 -15.74 -14.96 11.28
N THR A 100 -16.47 -13.87 11.50
CA THR A 100 -17.44 -13.37 10.52
C THR A 100 -17.06 -12.01 9.94
N ASP A 101 -15.87 -11.52 10.28
CA ASP A 101 -15.46 -10.17 9.91
C ASP A 101 -14.03 -10.11 9.36
N LEU A 102 -13.62 -11.16 8.64
CA LEU A 102 -12.31 -11.16 8.00
C LEU A 102 -12.26 -10.11 6.90
N SER A 103 -11.20 -9.30 6.91
CA SER A 103 -11.08 -8.17 5.99
C SER A 103 -9.66 -8.07 5.42
N PHE A 104 -9.56 -7.57 4.18
CA PHE A 104 -8.26 -7.37 3.54
C PHE A 104 -7.86 -5.90 3.55
N VAL A 105 -6.62 -5.65 3.97
CA VAL A 105 -6.05 -4.31 3.98
C VAL A 105 -4.54 -4.40 3.67
N ASP A 106 -3.96 -3.30 3.19
CA ASP A 106 -2.53 -3.22 2.86
C ASP A 106 -2.14 -4.08 1.65
N ILE A 107 -3.07 -4.20 0.70
CA ILE A 107 -2.85 -4.98 -0.51
C ILE A 107 -1.79 -4.31 -1.42
N THR A 108 -0.58 -4.86 -1.39
CA THR A 108 0.49 -4.45 -2.31
C THR A 108 0.61 -5.49 -3.44
N ASP A 109 1.82 -5.56 -4.02
CA ASP A 109 2.09 -6.48 -5.12
C ASP A 109 2.69 -7.81 -4.67
N SER A 110 2.84 -7.97 -3.36
CA SER A 110 3.41 -9.19 -2.79
C SER A 110 2.92 -9.40 -1.35
N SER A 111 2.06 -8.50 -0.89
CA SER A 111 1.66 -8.45 0.52
C SER A 111 0.17 -8.29 0.66
N ILE A 112 -0.41 -9.03 1.59
CA ILE A 112 -1.82 -8.87 1.99
C ILE A 112 -1.92 -8.92 3.51
N GLY A 113 -2.47 -7.87 4.10
CA GLY A 113 -2.69 -7.82 5.54
C GLY A 113 -4.04 -8.36 5.92
N LEU A 114 -4.10 -9.08 7.04
CA LEU A 114 -5.34 -9.70 7.50
C LEU A 114 -5.94 -8.97 8.70
N ARG A 115 -7.24 -8.73 8.63
CA ARG A 115 -7.94 -7.91 9.60
C ARG A 115 -9.17 -8.64 10.11
N TRP A 116 -9.06 -9.14 11.33
CA TRP A 116 -10.20 -9.73 12.03
C TRP A 116 -10.19 -9.38 13.51
N THR A 117 -11.32 -9.62 14.19
CA THR A 117 -11.44 -9.37 15.61
C THR A 117 -11.54 -10.68 16.39
N PRO A 118 -10.60 -10.91 17.33
CA PRO A 118 -10.51 -12.14 18.14
C PRO A 118 -11.79 -12.49 18.88
N LEU A 119 -11.93 -13.75 19.28
CA LEU A 119 -13.09 -14.21 20.04
C LEU A 119 -12.68 -14.52 21.47
N ASN A 120 -13.26 -13.81 22.43
CA ASN A 120 -12.82 -13.90 23.83
C ASN A 120 -13.32 -15.15 24.55
N SER A 121 -13.35 -16.27 23.82
CA SER A 121 -13.79 -17.55 24.37
C SER A 121 -12.59 -18.37 24.83
N SER A 122 -12.72 -18.98 26.00
CA SER A 122 -11.61 -19.68 26.65
C SER A 122 -11.40 -21.13 26.15
N THR A 123 -12.12 -21.51 25.11
CA THR A 123 -11.93 -22.82 24.46
C THR A 123 -10.98 -22.72 23.27
N ILE A 124 -10.68 -21.47 22.89
CA ILE A 124 -9.94 -21.19 21.66
C ILE A 124 -8.44 -21.07 21.90
N ILE A 125 -7.70 -22.05 21.37
CA ILE A 125 -6.25 -22.14 21.54
C ILE A 125 -5.48 -21.40 20.45
N GLY A 126 -6.15 -21.14 19.33
CA GLY A 126 -5.55 -20.35 18.24
C GLY A 126 -6.30 -20.29 16.93
N TYR A 127 -5.63 -19.77 15.92
CA TYR A 127 -6.18 -19.57 14.59
C TYR A 127 -5.19 -20.02 13.53
N ARG A 128 -5.65 -20.84 12.58
CA ARG A 128 -4.81 -21.22 11.44
C ARG A 128 -5.06 -20.29 10.25
N ILE A 129 -3.99 -19.86 9.61
CA ILE A 129 -4.09 -19.05 8.39
C ILE A 129 -3.64 -19.88 7.20
N THR A 130 -4.54 -20.10 6.24
CA THR A 130 -4.20 -20.85 5.03
C THR A 130 -4.19 -19.90 3.83
N VAL A 131 -3.14 -20.02 3.02
CA VAL A 131 -2.97 -19.23 1.80
C VAL A 131 -2.77 -20.16 0.62
N VAL A 132 -3.80 -20.31 -0.19
CA VAL A 132 -3.73 -21.13 -1.39
C VAL A 132 -3.70 -20.23 -2.63
N ALA A 133 -2.68 -20.39 -3.46
CA ALA A 133 -2.65 -19.71 -4.75
C ALA A 133 -3.65 -20.40 -5.66
N ALA A 134 -4.69 -19.67 -6.05
CA ALA A 134 -5.73 -20.22 -6.91
C ALA A 134 -5.23 -20.32 -8.36
N GLY A 135 -4.07 -19.72 -8.62
CA GLY A 135 -3.37 -19.83 -9.89
C GLY A 135 -2.94 -21.26 -10.18
N GLU A 136 -1.70 -21.60 -9.80
CA GLU A 136 -1.21 -22.96 -9.99
C GLU A 136 -0.47 -23.55 -8.78
N GLY A 137 -0.17 -22.70 -7.79
CA GLY A 137 0.48 -23.13 -6.56
C GLY A 137 -0.39 -24.02 -5.69
N ILE A 138 0.26 -24.80 -4.81
CA ILE A 138 -0.43 -25.64 -3.83
C ILE A 138 -0.83 -24.82 -2.60
N PRO A 139 -1.49 -25.46 -1.60
CA PRO A 139 -1.63 -24.85 -0.28
C PRO A 139 -0.28 -24.60 0.38
N ILE A 140 0.51 -23.73 -0.26
CA ILE A 140 1.90 -23.43 0.13
C ILE A 140 2.06 -22.97 1.58
N PHE A 141 1.13 -22.16 2.06
CA PHE A 141 1.28 -21.47 3.34
C PHE A 141 0.18 -21.77 4.36
N GLU A 142 0.58 -22.40 5.46
CA GLU A 142 -0.19 -22.46 6.70
C GLU A 142 0.68 -21.82 7.80
N ASP A 143 0.07 -21.01 8.64
CA ASP A 143 0.73 -20.51 9.85
C ASP A 143 -0.27 -20.45 11.01
N PHE A 144 0.27 -20.47 12.23
CA PHE A 144 -0.53 -20.53 13.43
C PHE A 144 -0.34 -19.25 14.24
N VAL A 145 -1.28 -18.96 15.12
CA VAL A 145 -1.30 -17.69 15.85
C VAL A 145 -2.04 -17.84 17.18
N ASP A 146 -1.73 -16.97 18.14
CA ASP A 146 -2.35 -16.95 19.48
C ASP A 146 -3.83 -16.58 19.44
N SER A 147 -4.54 -16.87 20.53
CA SER A 147 -5.94 -16.49 20.69
C SER A 147 -6.12 -14.96 20.71
N SER A 148 -5.05 -14.25 21.07
CA SER A 148 -5.09 -12.82 21.29
C SER A 148 -4.50 -12.01 20.14
N VAL A 149 -4.65 -12.53 18.92
CA VAL A 149 -4.19 -11.82 17.72
C VAL A 149 -5.36 -11.64 16.76
N GLY A 150 -5.40 -10.48 16.10
CA GLY A 150 -6.39 -10.19 15.06
C GLY A 150 -5.73 -9.45 13.90
N TYR A 151 -4.41 -9.58 13.84
CA TYR A 151 -3.57 -8.83 12.91
C TYR A 151 -2.45 -9.76 12.39
N TYR A 152 -2.60 -10.27 11.18
CA TYR A 152 -1.56 -11.06 10.51
C TYR A 152 -1.23 -10.48 9.13
N THR A 153 0.00 -10.72 8.66
CA THR A 153 0.45 -10.23 7.35
C THR A 153 0.95 -11.39 6.49
N VAL A 154 0.45 -11.48 5.26
CA VAL A 154 0.91 -12.49 4.31
C VAL A 154 1.84 -11.81 3.31
N THR A 155 3.04 -12.36 3.15
CA THR A 155 4.06 -11.79 2.28
C THR A 155 4.68 -12.83 1.33
N GLY A 156 5.40 -12.34 0.33
CA GLY A 156 6.00 -13.21 -0.70
C GLY A 156 4.93 -13.79 -1.61
N LEU A 157 4.32 -12.93 -2.40
CA LEU A 157 3.28 -13.33 -3.35
C LEU A 157 3.65 -12.84 -4.75
N GLU A 158 3.17 -13.53 -5.78
CA GLU A 158 3.32 -13.09 -7.15
C GLU A 158 2.24 -12.09 -7.54
N PRO A 159 2.54 -11.18 -8.48
CA PRO A 159 1.58 -10.15 -8.95
C PRO A 159 0.42 -10.70 -9.77
N GLY A 160 0.65 -11.77 -10.54
CA GLY A 160 -0.36 -12.25 -11.49
C GLY A 160 -1.17 -13.45 -11.02
N ILE A 161 -1.49 -13.48 -9.74
CA ILE A 161 -2.13 -14.65 -9.14
C ILE A 161 -3.26 -14.24 -8.19
N ASP A 162 -4.35 -15.03 -8.19
CA ASP A 162 -5.44 -14.92 -7.22
C ASP A 162 -5.08 -15.76 -6.01
N TYR A 163 -5.21 -15.19 -4.81
CA TYR A 163 -4.96 -15.96 -3.60
C TYR A 163 -6.22 -16.24 -2.79
N ASP A 164 -6.35 -17.46 -2.29
CA ASP A 164 -7.44 -17.83 -1.40
C ASP A 164 -6.93 -17.83 0.03
N ILE A 165 -7.44 -16.92 0.85
CA ILE A 165 -6.93 -16.76 2.20
C ILE A 165 -8.00 -17.06 3.26
N SER A 166 -7.76 -18.11 4.05
CA SER A 166 -8.72 -18.58 5.05
C SER A 166 -8.16 -18.47 6.46
N VAL A 167 -9.03 -18.20 7.42
CA VAL A 167 -8.66 -18.26 8.82
C VAL A 167 -9.60 -19.19 9.55
N ILE A 168 -9.02 -20.20 10.21
CA ILE A 168 -9.77 -21.24 10.89
C ILE A 168 -9.57 -21.11 12.39
N THR A 169 -10.68 -21.04 13.12
CA THR A 169 -10.65 -21.03 14.57
C THR A 169 -10.30 -22.42 15.10
N LEU A 170 -9.31 -22.48 15.99
CA LEU A 170 -8.82 -23.73 16.57
C LEU A 170 -9.24 -23.91 18.04
N ILE A 171 -9.73 -25.09 18.37
CA ILE A 171 -9.99 -25.49 19.76
C ILE A 171 -9.25 -26.79 20.05
N ASN A 172 -9.51 -27.39 21.21
CA ASN A 172 -8.85 -28.63 21.56
C ASN A 172 -9.47 -29.86 20.91
N GLY A 173 -8.77 -30.38 19.91
CA GLY A 173 -9.25 -31.52 19.13
C GLY A 173 -10.38 -31.12 18.20
N GLY A 174 -10.22 -30.00 17.51
CA GLY A 174 -11.28 -29.48 16.67
C GLY A 174 -10.97 -28.20 15.94
N GLU A 175 -11.84 -27.86 14.99
CA GLU A 175 -11.71 -26.67 14.15
C GLU A 175 -13.07 -26.12 13.82
N SER A 176 -13.11 -24.83 13.52
CA SER A 176 -14.26 -24.23 12.88
C SER A 176 -14.16 -24.49 11.39
N ALA A 177 -15.27 -24.31 10.68
CA ALA A 177 -15.25 -24.18 9.23
C ALA A 177 -14.43 -22.92 8.86
N PRO A 178 -13.67 -22.97 7.75
CA PRO A 178 -12.82 -21.85 7.31
C PRO A 178 -13.59 -20.64 6.78
N THR A 179 -13.10 -19.45 7.11
CA THR A 179 -13.57 -18.19 6.53
C THR A 179 -12.59 -17.79 5.43
N THR A 180 -13.05 -17.81 4.19
CA THR A 180 -12.15 -17.65 3.04
C THR A 180 -12.44 -16.37 2.24
N LEU A 181 -11.38 -15.71 1.79
CA LEU A 181 -11.51 -14.58 0.84
C LEU A 181 -10.50 -14.67 -0.29
N THR A 182 -10.88 -14.13 -1.45
CA THR A 182 -10.06 -14.19 -2.65
C THR A 182 -9.62 -12.79 -3.10
N GLN A 183 -8.34 -12.66 -3.42
CA GLN A 183 -7.77 -11.38 -3.88
C GLN A 183 -6.57 -11.62 -4.80
N GLN A 184 -6.45 -10.77 -5.83
CA GLN A 184 -5.21 -10.61 -6.58
C GLN A 184 -4.35 -9.60 -5.86
N THR A 185 -3.04 -9.76 -5.96
CA THR A 185 -2.13 -8.71 -5.53
C THR A 185 -2.05 -7.63 -6.61
N ALA A 186 -1.58 -6.44 -6.21
CA ALA A 186 -1.44 -5.29 -7.13
C ALA A 186 -0.37 -5.52 -8.21
N VAL A 187 -0.46 -4.73 -9.29
CA VAL A 187 0.61 -4.67 -10.30
C VAL A 187 1.83 -3.99 -9.66
N PRO A 188 3.01 -4.64 -9.74
CA PRO A 188 4.22 -4.14 -9.05
C PRO A 188 4.84 -2.88 -9.69
N PRO A 189 5.08 -1.86 -8.85
CA PRO A 189 5.58 -0.59 -9.36
C PRO A 189 7.09 -0.66 -9.65
N PRO A 190 7.61 0.30 -10.44
CA PRO A 190 9.04 0.43 -10.57
C PRO A 190 9.60 0.94 -9.26
N THR A 191 10.91 0.84 -9.07
CA THR A 191 11.53 1.38 -7.87
C THR A 191 12.73 2.24 -8.24
N ASP A 192 13.16 3.06 -7.28
CA ASP A 192 14.43 3.79 -7.39
C ASP A 192 14.49 4.74 -8.59
N LEU A 193 13.83 5.88 -8.46
CA LEU A 193 13.73 6.87 -9.53
C LEU A 193 14.95 7.79 -9.56
N ARG A 194 15.72 7.71 -10.63
CA ARG A 194 16.88 8.59 -10.81
C ARG A 194 16.74 9.51 -12.02
N PHE A 195 17.22 10.75 -11.86
CA PHE A 195 17.25 11.73 -12.94
C PHE A 195 18.68 12.03 -13.32
N THR A 196 19.04 11.75 -14.57
CA THR A 196 20.36 12.16 -15.09
C THR A 196 20.25 13.07 -16.32
N ASN A 197 21.40 13.42 -16.89
CA ASN A 197 21.52 14.25 -18.10
C ASN A 197 20.62 15.50 -18.07
N ILE A 198 20.82 16.34 -17.05
CA ILE A 198 19.93 17.48 -16.82
C ILE A 198 20.39 18.68 -17.65
N GLY A 199 19.54 19.08 -18.59
CA GLY A 199 19.77 20.28 -19.36
C GLY A 199 18.74 21.33 -18.99
N PRO A 200 18.73 22.46 -19.71
CA PRO A 200 17.69 23.46 -19.50
C PRO A 200 16.32 23.01 -20.02
N ASP A 201 16.32 22.23 -21.10
CA ASP A 201 15.10 21.81 -21.79
C ASP A 201 14.86 20.31 -21.73
N THR A 202 15.72 19.58 -21.01
CA THR A 202 15.73 18.13 -21.09
C THR A 202 16.24 17.43 -19.81
N MET A 203 15.78 16.20 -19.58
CA MET A 203 16.29 15.35 -18.50
C MET A 203 16.06 13.88 -18.81
N ARG A 204 16.96 13.02 -18.34
CA ARG A 204 16.81 11.58 -18.49
C ARG A 204 16.23 10.96 -17.22
N VAL A 205 15.13 10.23 -17.37
CA VAL A 205 14.48 9.59 -16.23
C VAL A 205 14.74 8.08 -16.23
N THR A 206 15.22 7.54 -15.11
CA THR A 206 15.53 6.11 -14.99
C THR A 206 14.85 5.47 -13.79
N TRP A 207 14.50 4.20 -13.95
CA TRP A 207 13.89 3.41 -12.88
C TRP A 207 14.33 1.95 -12.94
N ALA A 208 14.23 1.28 -11.80
CA ALA A 208 14.43 -0.17 -11.72
C ALA A 208 13.07 -0.84 -11.88
N PRO A 209 12.91 -1.64 -12.95
CA PRO A 209 11.67 -2.41 -13.14
C PRO A 209 11.53 -3.53 -12.10
N PRO A 210 10.29 -3.90 -11.75
CA PRO A 210 10.00 -5.12 -10.97
C PRO A 210 10.52 -6.39 -11.64
N PRO A 211 10.91 -7.41 -10.85
CA PRO A 211 11.46 -8.73 -11.21
C PRO A 211 11.55 -9.10 -12.71
N SER A 212 10.94 -10.21 -13.10
CA SER A 212 10.85 -10.62 -14.51
C SER A 212 9.42 -11.04 -14.87
N ILE A 213 8.70 -10.10 -15.50
CA ILE A 213 7.25 -10.21 -15.73
C ILE A 213 6.94 -10.02 -17.22
N ASP A 214 5.91 -10.72 -17.70
CA ASP A 214 5.43 -10.57 -19.09
C ASP A 214 4.84 -9.17 -19.34
N LEU A 215 5.63 -8.14 -19.05
CA LEU A 215 5.16 -6.75 -19.02
C LEU A 215 4.71 -6.20 -20.35
N THR A 216 3.59 -5.47 -20.31
CA THR A 216 2.99 -4.90 -21.50
C THR A 216 3.69 -3.59 -21.88
N ASN A 217 3.83 -2.68 -20.92
CA ASN A 217 4.54 -1.41 -21.12
C ASN A 217 4.66 -0.57 -19.86
N PHE A 218 5.39 0.55 -19.95
CA PHE A 218 5.50 1.51 -18.87
C PHE A 218 4.80 2.83 -19.20
N LEU A 219 4.24 3.47 -18.18
CA LEU A 219 3.51 4.74 -18.31
C LEU A 219 4.28 5.89 -17.61
N VAL A 220 4.64 6.92 -18.38
CA VAL A 220 5.41 8.04 -17.80
C VAL A 220 4.63 9.35 -17.86
N ARG A 221 4.37 9.94 -16.70
CA ARG A 221 3.62 11.19 -16.61
C ARG A 221 4.44 12.30 -16.00
N TYR A 222 4.35 13.50 -16.57
CA TYR A 222 5.09 14.65 -16.04
C TYR A 222 4.40 16.00 -16.19
N SER A 223 4.72 16.91 -15.27
CA SER A 223 4.00 18.16 -15.07
C SER A 223 4.82 19.10 -14.19
N PRO A 224 4.77 20.42 -14.46
CA PRO A 224 5.43 21.35 -13.55
C PRO A 224 4.73 21.41 -12.18
N VAL A 225 5.50 21.61 -11.12
CA VAL A 225 4.98 21.67 -9.75
C VAL A 225 4.01 22.84 -9.57
N LYS A 226 4.35 23.97 -10.20
CA LYS A 226 3.54 25.18 -10.13
C LYS A 226 2.38 25.17 -11.13
N ASN A 227 2.18 24.04 -11.80
CA ASN A 227 1.15 23.91 -12.83
C ASN A 227 0.76 22.45 -13.02
N GLU A 228 0.27 21.83 -11.95
CA GLU A 228 -0.01 20.39 -11.94
C GLU A 228 -0.97 19.96 -13.05
N GLU A 229 -1.73 20.93 -13.58
CA GLU A 229 -2.78 20.67 -14.55
C GLU A 229 -2.23 19.99 -15.81
N ASP A 230 -1.24 20.64 -16.43
CA ASP A 230 -0.66 20.20 -17.70
C ASP A 230 0.19 18.92 -17.58
N VAL A 231 -0.43 17.77 -17.84
CA VAL A 231 0.27 16.47 -17.80
C VAL A 231 0.50 15.87 -19.20
N ALA A 232 1.77 15.59 -19.51
CA ALA A 232 2.12 14.81 -20.69
C ALA A 232 2.28 13.34 -20.31
N GLU A 233 2.17 12.43 -21.28
CA GLU A 233 2.18 11.00 -21.04
C GLU A 233 2.87 10.24 -22.17
N LEU A 234 3.81 9.37 -21.81
CA LEU A 234 4.49 8.52 -22.80
C LEU A 234 4.32 7.02 -22.51
N SER A 235 4.29 6.23 -23.59
CA SER A 235 4.31 4.77 -23.51
C SER A 235 5.72 4.26 -23.73
N ILE A 236 6.27 3.62 -22.71
CA ILE A 236 7.64 3.11 -22.77
C ILE A 236 7.66 1.59 -22.94
N SER A 237 8.56 1.13 -23.81
CA SER A 237 8.79 -0.28 -24.13
C SER A 237 9.04 -1.13 -22.87
N PRO A 238 8.58 -2.39 -22.88
CA PRO A 238 8.71 -3.26 -21.72
C PRO A 238 10.15 -3.49 -21.25
N SER A 239 11.08 -3.55 -22.20
CA SER A 239 12.49 -3.84 -21.91
C SER A 239 13.33 -2.59 -21.58
N ASP A 240 12.81 -1.41 -21.90
CA ASP A 240 13.47 -0.15 -21.57
C ASP A 240 13.15 0.29 -20.14
N ASN A 241 14.12 0.93 -19.48
CA ASN A 241 13.93 1.48 -18.13
C ASN A 241 14.35 2.94 -18.01
N ALA A 242 14.43 3.63 -19.15
CA ALA A 242 14.81 5.04 -19.20
C ALA A 242 14.17 5.76 -20.38
N VAL A 243 13.73 6.99 -20.13
CA VAL A 243 13.27 7.87 -21.20
C VAL A 243 13.86 9.28 -21.05
N VAL A 244 14.33 9.82 -22.17
CA VAL A 244 14.82 11.20 -22.25
C VAL A 244 13.64 12.12 -22.54
N LEU A 245 13.26 12.93 -21.56
CA LEU A 245 12.21 13.93 -21.73
C LEU A 245 12.78 15.15 -22.45
N THR A 246 12.08 15.62 -23.47
CA THR A 246 12.50 16.78 -24.25
C THR A 246 11.52 17.94 -24.12
N ASN A 247 11.87 19.09 -24.72
CA ASN A 247 10.97 20.24 -24.85
C ASN A 247 10.45 20.81 -23.52
N LEU A 248 11.28 20.77 -22.48
CA LEU A 248 10.87 21.22 -21.16
C LEU A 248 11.22 22.69 -20.94
N LEU A 249 10.58 23.31 -19.94
CA LEU A 249 10.87 24.70 -19.59
C LEU A 249 12.07 24.80 -18.64
N PRO A 250 13.03 25.70 -18.95
CA PRO A 250 14.23 25.95 -18.14
C PRO A 250 13.95 26.49 -16.75
N GLY A 251 14.81 26.15 -15.80
CA GLY A 251 14.67 26.55 -14.39
C GLY A 251 13.35 26.18 -13.74
N THR A 252 12.75 25.05 -14.14
CA THR A 252 11.43 24.67 -13.68
C THR A 252 11.42 23.29 -13.03
N GLU A 253 10.87 23.23 -11.82
CA GLU A 253 10.73 21.97 -11.09
C GLU A 253 9.58 21.17 -11.67
N TYR A 254 9.89 19.94 -12.10
CA TYR A 254 8.90 19.03 -12.66
C TYR A 254 8.58 17.86 -11.73
N VAL A 255 7.31 17.47 -11.69
CA VAL A 255 6.88 16.24 -11.02
C VAL A 255 6.82 15.12 -12.06
N VAL A 256 7.50 14.01 -11.78
CA VAL A 256 7.52 12.87 -12.70
C VAL A 256 7.05 11.60 -11.98
N SER A 257 6.34 10.74 -12.70
CA SER A 257 5.87 9.48 -12.15
C SER A 257 5.83 8.36 -13.18
N VAL A 258 6.36 7.20 -12.81
CA VAL A 258 6.43 6.06 -13.71
C VAL A 258 5.51 4.96 -13.20
N SER A 259 4.64 4.48 -14.07
CA SER A 259 3.72 3.39 -13.75
C SER A 259 3.90 2.19 -14.68
N SER A 260 3.92 1.01 -14.10
CA SER A 260 3.99 -0.24 -14.84
C SER A 260 2.58 -0.68 -15.25
N VAL A 261 2.47 -1.23 -16.46
CA VAL A 261 1.19 -1.69 -17.00
C VAL A 261 1.17 -3.21 -17.15
N TYR A 262 0.09 -3.84 -16.67
CA TYR A 262 -0.13 -5.28 -16.79
C TYR A 262 -1.62 -5.62 -16.66
N GLU A 263 -2.08 -6.56 -17.50
CA GLU A 263 -3.50 -7.01 -17.52
C GLU A 263 -4.50 -5.83 -17.49
N GLN A 264 -4.15 -4.77 -18.22
CA GLN A 264 -4.92 -3.51 -18.27
C GLN A 264 -4.84 -2.67 -16.99
N HIS A 265 -4.53 -3.28 -15.86
CA HIS A 265 -4.33 -2.56 -14.61
C HIS A 265 -3.05 -1.71 -14.68
N GLU A 266 -2.89 -0.79 -13.74
CA GLU A 266 -1.63 -0.08 -13.61
C GLU A 266 -1.11 -0.14 -12.17
N SER A 267 0.21 -0.10 -12.04
CA SER A 267 0.88 -0.08 -10.74
C SER A 267 0.69 1.26 -10.05
N THR A 268 1.09 1.35 -8.79
CA THR A 268 1.18 2.64 -8.10
C THR A 268 2.30 3.47 -8.74
N PRO A 269 2.17 4.81 -8.75
CA PRO A 269 3.23 5.62 -9.34
C PRO A 269 4.47 5.69 -8.47
N LEU A 270 5.63 5.46 -9.09
CA LEU A 270 6.90 5.84 -8.50
C LEU A 270 7.12 7.32 -8.85
N ARG A 271 7.13 8.17 -7.83
CA ARG A 271 7.14 9.60 -8.02
C ARG A 271 8.31 10.29 -7.33
N GLY A 272 8.85 11.29 -8.03
CA GLY A 272 9.85 12.20 -7.49
C GLY A 272 9.81 13.53 -8.24
N ARG A 273 10.57 14.51 -7.76
CA ARG A 273 10.60 15.83 -8.39
C ARG A 273 12.01 16.23 -8.82
N GLN A 274 12.13 16.84 -10.00
CA GLN A 274 13.41 17.30 -10.52
C GLN A 274 13.30 18.62 -11.28
N LYS A 275 14.20 19.54 -10.95
CA LYS A 275 14.29 20.83 -11.62
C LYS A 275 15.17 20.72 -12.87
N THR A 276 14.80 21.44 -13.92
CA THR A 276 15.65 21.59 -15.09
C THR A 276 16.68 22.68 -14.81
N GLY A 277 17.76 22.70 -15.58
CA GLY A 277 18.83 23.66 -15.43
C GLY A 277 18.50 25.02 -16.02
N LEU A 278 19.40 25.97 -15.83
CA LEU A 278 19.28 27.29 -16.42
C LEU A 278 19.57 27.25 -17.90
N ASP A 279 18.80 28.01 -18.68
CA ASP A 279 19.14 28.22 -20.07
C ASP A 279 20.15 29.35 -20.20
N SER A 280 20.91 29.33 -21.29
CA SER A 280 21.97 30.30 -21.54
C SER A 280 21.39 31.67 -21.89
N PRO A 281 22.15 32.75 -21.63
CA PRO A 281 21.82 34.01 -22.29
C PRO A 281 21.94 33.81 -23.80
N THR A 282 21.27 34.65 -24.58
CA THR A 282 21.40 34.57 -26.03
C THR A 282 21.82 35.93 -26.62
N GLY A 283 21.94 36.00 -27.94
CA GLY A 283 22.11 37.25 -28.68
C GLY A 283 23.23 38.14 -28.20
N ILE A 284 24.44 37.59 -28.07
CA ILE A 284 25.60 38.39 -27.76
C ILE A 284 25.85 39.40 -28.90
N ASP A 285 26.26 40.61 -28.54
CA ASP A 285 26.51 41.66 -29.53
C ASP A 285 27.52 42.62 -28.93
N PHE A 286 28.07 43.52 -29.75
CA PHE A 286 29.13 44.43 -29.32
C PHE A 286 28.86 45.79 -29.91
N SER A 287 29.46 46.83 -29.30
CA SER A 287 29.26 48.17 -29.81
C SER A 287 30.35 49.11 -29.34
N ASP A 288 30.46 50.23 -30.02
CA ASP A 288 31.34 51.30 -29.60
C ASP A 288 32.77 50.78 -29.35
N ILE A 289 33.33 50.15 -30.40
CA ILE A 289 34.68 49.57 -30.37
C ILE A 289 35.73 50.65 -30.37
N THR A 290 36.73 50.50 -29.49
CA THR A 290 37.87 51.39 -29.46
C THR A 290 39.10 50.51 -29.39
N ALA A 291 40.25 51.14 -29.24
CA ALA A 291 41.53 50.42 -29.21
C ALA A 291 41.69 49.68 -27.90
N ASN A 292 41.08 50.17 -26.83
CA ASN A 292 41.33 49.61 -25.49
C ASN A 292 40.07 49.20 -24.78
N SER A 293 38.95 49.26 -25.50
CA SER A 293 37.65 48.91 -24.92
C SER A 293 36.57 48.56 -25.94
N PHE A 294 35.50 47.95 -25.45
CA PHE A 294 34.23 47.82 -26.18
C PHE A 294 33.10 47.44 -25.24
N THR A 295 31.88 47.55 -25.73
CA THR A 295 30.69 47.25 -24.95
C THR A 295 30.08 45.94 -25.44
N VAL A 296 29.71 45.09 -24.50
CA VAL A 296 29.18 43.78 -24.77
C VAL A 296 27.68 43.81 -24.38
N HIS A 297 26.85 43.14 -25.17
CA HIS A 297 25.41 43.06 -24.91
C HIS A 297 24.99 41.61 -24.96
N TRP A 298 23.89 41.28 -24.28
CA TRP A 298 23.29 39.94 -24.39
C TRP A 298 21.81 40.00 -23.99
N ILE A 299 21.10 38.88 -24.16
CA ILE A 299 19.69 38.80 -23.85
C ILE A 299 19.50 37.80 -22.72
N ALA A 300 18.69 38.19 -21.75
CA ALA A 300 18.39 37.37 -20.60
C ALA A 300 17.83 36.00 -20.98
N PRO A 301 18.23 34.95 -20.26
CA PRO A 301 17.60 33.65 -20.43
C PRO A 301 16.19 33.68 -19.84
N ARG A 302 15.37 32.64 -20.10
CA ARG A 302 14.00 32.61 -19.61
C ARG A 302 13.93 32.28 -18.13
N ALA A 303 14.85 31.45 -17.65
CA ALA A 303 14.82 30.99 -16.26
C ALA A 303 15.15 32.14 -15.31
N THR A 304 14.76 32.00 -14.06
CA THR A 304 15.03 32.97 -13.01
C THR A 304 16.50 32.85 -12.59
N ILE A 305 17.22 33.97 -12.68
CA ILE A 305 18.65 34.00 -12.41
C ILE A 305 18.92 35.06 -11.36
N THR A 306 20.11 35.01 -10.73
CA THR A 306 20.53 36.07 -9.82
C THR A 306 21.50 37.04 -10.49
N GLY A 307 22.14 36.61 -11.56
CA GLY A 307 23.16 37.43 -12.24
C GLY A 307 23.95 36.67 -13.29
N TYR A 308 25.04 37.25 -13.78
CA TYR A 308 25.87 36.66 -14.82
C TYR A 308 27.35 36.64 -14.45
N ARG A 309 28.11 35.75 -15.09
CA ARG A 309 29.57 35.80 -15.00
C ARG A 309 30.09 36.04 -16.40
N ILE A 310 30.89 37.09 -16.57
CA ILE A 310 31.45 37.45 -17.87
C ILE A 310 32.95 37.25 -17.80
N ARG A 311 33.46 36.53 -18.79
CA ARG A 311 34.88 36.29 -18.89
C ARG A 311 35.36 36.73 -20.26
N HIS A 312 36.58 37.26 -20.29
CA HIS A 312 37.20 37.61 -21.55
C HIS A 312 38.71 37.34 -21.54
N HIS A 313 39.26 37.11 -22.73
CA HIS A 313 40.69 36.88 -22.90
C HIS A 313 41.02 36.97 -24.37
N PRO A 314 42.30 37.23 -24.72
CA PRO A 314 42.57 37.27 -26.15
C PRO A 314 42.35 35.90 -26.75
N GLU A 315 41.79 35.86 -27.95
CA GLU A 315 41.70 34.62 -28.73
C GLU A 315 43.04 33.88 -28.76
N HIS A 316 42.98 32.58 -28.48
CA HIS A 316 44.13 31.66 -28.48
C HIS A 316 45.00 31.77 -27.23
N PHE A 317 44.49 32.50 -26.24
CA PHE A 317 45.19 32.65 -24.98
C PHE A 317 44.14 32.63 -23.88
N SER A 318 43.58 31.44 -23.63
CA SER A 318 42.42 31.26 -22.76
C SER A 318 42.84 31.01 -21.31
N GLY A 319 44.15 30.87 -21.12
CA GLY A 319 44.73 30.49 -19.83
C GLY A 319 44.34 31.29 -18.59
N ARG A 320 44.21 32.60 -18.72
CA ARG A 320 44.05 33.43 -17.50
C ARG A 320 43.07 34.57 -17.72
N PRO A 321 41.77 34.23 -17.88
CA PRO A 321 40.83 35.24 -18.32
C PRO A 321 40.46 36.23 -17.21
N ARG A 322 40.06 37.43 -17.61
CA ARG A 322 39.57 38.44 -16.70
C ARG A 322 38.11 38.16 -16.47
N GLU A 323 37.61 38.58 -15.31
CA GLU A 323 36.28 38.21 -14.87
C GLU A 323 35.48 39.35 -14.27
N ASP A 324 34.20 39.38 -14.61
CA ASP A 324 33.29 40.34 -14.05
C ASP A 324 31.99 39.65 -13.68
N ARG A 325 31.34 40.15 -12.61
CA ARG A 325 30.02 39.72 -12.20
C ARG A 325 29.01 40.84 -12.40
N VAL A 326 27.87 40.50 -12.99
CA VAL A 326 26.83 41.46 -13.35
C VAL A 326 25.50 40.93 -12.80
N PRO A 327 24.73 41.77 -12.07
CA PRO A 327 23.44 41.29 -11.55
C PRO A 327 22.46 41.10 -12.69
N HIS A 328 21.34 40.43 -12.41
CA HIS A 328 20.36 40.06 -13.44
C HIS A 328 19.61 41.27 -14.04
N SER A 329 19.61 42.39 -13.32
CA SER A 329 19.01 43.63 -13.77
C SER A 329 19.78 44.28 -14.93
N ARG A 330 20.92 43.72 -15.32
CA ARG A 330 21.75 44.28 -16.42
C ARG A 330 21.98 43.31 -17.58
N ASN A 331 22.10 43.85 -18.79
CA ASN A 331 22.34 43.02 -19.95
C ASN A 331 23.40 43.60 -20.86
N SER A 332 24.26 44.45 -20.29
CA SER A 332 25.45 44.91 -20.99
C SER A 332 26.58 45.21 -20.00
N ILE A 333 27.79 45.24 -20.54
CA ILE A 333 28.96 45.65 -19.77
C ILE A 333 30.00 46.26 -20.72
N THR A 334 30.66 47.31 -20.27
CA THR A 334 31.81 47.82 -20.98
C THR A 334 33.14 47.22 -20.45
N LEU A 335 33.89 46.56 -21.32
CA LEU A 335 35.19 46.01 -20.92
C LEU A 335 36.28 46.99 -21.30
N THR A 336 37.15 47.31 -20.33
CA THR A 336 38.22 48.29 -20.50
C THR A 336 39.63 47.67 -20.27
N ASN A 337 40.66 48.49 -20.42
CA ASN A 337 42.07 48.08 -20.31
C ASN A 337 42.40 46.89 -21.23
N LEU A 338 41.80 46.90 -22.42
CA LEU A 338 42.11 45.93 -23.45
C LEU A 338 43.35 46.36 -24.26
N THR A 339 43.89 45.43 -25.05
CA THR A 339 45.06 45.62 -25.89
C THR A 339 44.60 45.96 -27.31
N PRO A 340 45.29 46.91 -27.99
CA PRO A 340 44.89 47.28 -29.35
C PRO A 340 45.09 46.16 -30.37
N GLY A 341 44.30 46.19 -31.46
CA GLY A 341 44.42 45.23 -32.56
C GLY A 341 44.40 43.77 -32.13
N THR A 342 43.59 43.46 -31.11
CA THR A 342 43.55 42.13 -30.51
C THR A 342 42.16 41.50 -30.60
N GLU A 343 42.08 40.27 -31.11
CA GLU A 343 40.80 39.55 -31.11
C GLU A 343 40.50 39.02 -29.70
N TYR A 344 39.33 39.36 -29.16
CA TYR A 344 38.94 38.91 -27.83
C TYR A 344 37.80 37.90 -27.83
N VAL A 345 37.89 36.92 -26.94
CA VAL A 345 36.84 35.95 -26.76
C VAL A 345 36.11 36.35 -25.50
N VAL A 346 34.77 36.49 -25.59
CA VAL A 346 33.93 36.88 -24.46
C VAL A 346 32.89 35.80 -24.20
N SER A 347 32.78 35.35 -22.95
CA SER A 347 31.83 34.33 -22.57
C SER A 347 30.91 34.78 -21.44
N ILE A 348 29.63 34.45 -21.57
CA ILE A 348 28.65 34.88 -20.62
C ILE A 348 27.92 33.64 -20.08
N VAL A 349 27.79 33.61 -18.77
CA VAL A 349 27.11 32.50 -18.09
C VAL A 349 26.06 33.07 -17.16
N ALA A 350 24.86 32.51 -17.20
CA ALA A 350 23.82 32.89 -16.26
C ALA A 350 24.04 32.15 -14.95
N LEU A 351 23.76 32.83 -13.85
CA LEU A 351 23.91 32.26 -12.52
C LEU A 351 22.64 32.40 -11.74
N ASN A 352 22.30 31.33 -11.05
CA ASN A 352 21.34 31.38 -9.99
C ASN A 352 22.03 30.83 -8.76
N GLY A 353 22.63 31.71 -7.97
CA GLY A 353 23.47 31.29 -6.84
C GLY A 353 24.69 30.61 -7.44
N ARG A 354 24.85 29.32 -7.15
CA ARG A 354 25.93 28.52 -7.72
C ARG A 354 25.55 27.70 -8.98
N GLU A 355 24.25 27.58 -9.25
CA GLU A 355 23.74 27.01 -10.50
C GLU A 355 24.26 27.84 -11.68
N GLU A 356 24.75 27.15 -12.71
CA GLU A 356 25.31 27.81 -13.88
C GLU A 356 24.64 27.33 -15.15
N SER A 357 24.46 28.25 -16.08
CA SER A 357 23.98 27.91 -17.41
C SER A 357 25.15 27.47 -18.29
N PRO A 358 24.86 26.82 -19.44
CA PRO A 358 25.96 26.69 -20.40
C PRO A 358 26.41 28.08 -20.91
N LEU A 359 27.62 28.13 -21.46
CA LEU A 359 28.22 29.35 -21.97
C LEU A 359 27.53 29.92 -23.19
N LEU A 360 27.41 31.24 -23.21
CA LEU A 360 27.23 32.00 -24.46
C LEU A 360 28.58 32.59 -24.86
N ILE A 361 29.10 32.23 -26.04
CA ILE A 361 30.46 32.70 -26.45
C ILE A 361 30.40 33.56 -27.74
N GLY A 362 31.18 34.64 -27.75
CA GLY A 362 31.34 35.47 -28.95
C GLY A 362 32.72 36.15 -29.02
N GLN A 363 33.06 36.71 -30.17
CA GLN A 363 34.38 37.30 -30.38
C GLN A 363 34.29 38.68 -30.97
N GLN A 364 35.13 39.57 -30.44
CA GLN A 364 35.22 40.95 -30.95
C GLN A 364 36.65 41.44 -30.88
N SER A 365 37.04 42.20 -31.90
CA SER A 365 38.37 42.73 -31.98
C SER A 365 38.41 44.21 -31.60
N THR A 366 39.47 44.61 -30.91
CA THR A 366 39.68 46.04 -30.68
C THR A 366 40.26 46.61 -31.96
N VAL A 367 40.13 47.91 -32.18
CA VAL A 367 40.73 48.48 -33.39
C VAL A 367 42.21 48.76 -33.10
N SER A 368 43.01 49.00 -34.15
CA SER A 368 44.42 49.36 -34.02
C SER A 368 44.56 50.71 -33.35
N ALA A 369 45.65 50.93 -32.63
CA ALA A 369 45.86 52.23 -31.97
C ALA A 369 46.01 53.36 -33.00
#